data_4YOE
#
_entry.id   4YOE
#
_cell.length_a   40.557
_cell.length_b   64.523
_cell.length_c   141.352
_cell.angle_alpha   90.000
_cell.angle_beta   90.000
_cell.angle_gamma   90.000
#
_symmetry.space_group_name_H-M   'C 2 2 21'
#
loop_
_entity.id
_entity.type
_entity.pdbx_description
1 polymer 'Heterogeneous nuclear ribonucleoprotein A1'
2 polymer 'RNA AGU'
3 non-polymer 'ACETATE ION'
4 non-polymer 'SULFATE ION'
5 water water
#
loop_
_entity_poly.entity_id
_entity_poly.type
_entity_poly.pdbx_seq_one_letter_code
_entity_poly.pdbx_strand_id
1 'polypeptide(L)'
;MGMSKSESPKEPEQLRKLFIGGLSFETTDESLRSHFEQWGTLTDCVVMRDPNTKRSRGFGFVTYATVEEVDAAMNARPHK
VDGRVVEPKRAVSREDSQRPGAHLTVKKIFVGGIKEDTEEHHLRDYFEQYGKIEVIEIMTDRGSGKKRGFAFVTFDDHDS
VDKIVIQKYHTVNGHNCEVRKALSKQEMASASSSQRGRLEHHHHHH
;
A
2 'polyribonucleotide' AGU E
#
loop_
_chem_comp.id
_chem_comp.type
_chem_comp.name
_chem_comp.formula
A RNA linking ADENOSINE-5'-MONOPHOSPHATE 'C10 H14 N5 O7 P'
ACT non-polymer 'ACETATE ION' 'C2 H3 O2 -1'
G RNA linking GUANOSINE-5'-MONOPHOSPHATE 'C10 H14 N5 O8 P'
SO4 non-polymer 'SULFATE ION' 'O4 S -2'
U RNA linking URIDINE-5'-MONOPHOSPHATE 'C9 H13 N2 O9 P'
#
# COMPACT_ATOMS: atom_id res chain seq x y z
N LYS A 10 -14.05 -14.49 7.70
CA LYS A 10 -12.72 -13.91 7.88
C LYS A 10 -12.18 -13.33 6.57
N GLU A 11 -11.39 -12.26 6.69
CA GLU A 11 -10.82 -11.53 5.54
C GLU A 11 -9.80 -12.43 4.81
N PRO A 12 -9.70 -12.39 3.45
CA PRO A 12 -8.67 -13.20 2.76
C PRO A 12 -7.28 -12.96 3.36
N GLU A 13 -6.52 -14.04 3.56
CA GLU A 13 -5.21 -13.95 4.20
C GLU A 13 -4.26 -13.01 3.54
N GLN A 14 -4.27 -12.93 2.21
CA GLN A 14 -3.35 -12.04 1.49
C GLN A 14 -3.50 -10.57 1.88
N LEU A 15 -4.72 -10.15 2.27
CA LEU A 15 -4.96 -8.75 2.64
C LEU A 15 -4.56 -8.46 4.09
N ARG A 16 -4.18 -9.49 4.83
CA ARG A 16 -3.81 -9.41 6.26
C ARG A 16 -2.31 -9.68 6.44
N LYS A 17 -1.52 -9.57 5.38
CA LYS A 17 -0.12 -10.00 5.40
C LYS A 17 0.83 -8.90 4.96
N LEU A 18 2.00 -8.86 5.62
CA LEU A 18 3.07 -7.93 5.28
C LEU A 18 4.29 -8.66 4.83
N PHE A 19 4.96 -8.14 3.81
CA PHE A 19 6.25 -8.58 3.39
C PHE A 19 7.19 -7.70 4.26
N ILE A 20 8.20 -8.30 4.91
CA ILE A 20 9.15 -7.47 5.70
C ILE A 20 10.50 -7.60 4.99
N GLY A 21 10.95 -6.56 4.29
CA GLY A 21 12.25 -6.54 3.60
C GLY A 21 13.35 -5.94 4.44
N GLY A 22 14.61 -6.11 4.02
CA GLY A 22 15.78 -5.52 4.66
C GLY A 22 16.04 -5.97 6.07
N LEU A 23 15.73 -7.23 6.37
CA LEU A 23 15.98 -7.81 7.68
C LEU A 23 17.47 -8.01 7.90
N SER A 24 17.87 -7.97 9.17
CA SER A 24 19.20 -8.37 9.57
C SER A 24 19.17 -9.88 9.37
N PHE A 25 20.31 -10.46 8.95
CA PHE A 25 20.40 -11.91 8.77
C PHE A 25 20.27 -12.65 10.12
N GLU A 26 20.40 -11.92 11.24
CA GLU A 26 20.27 -12.52 12.58
C GLU A 26 18.80 -12.71 12.99
N THR A 27 17.87 -12.04 12.31
CA THR A 27 16.43 -12.13 12.64
C THR A 27 15.89 -13.51 12.36
N THR A 28 15.14 -14.09 13.32
CA THR A 28 14.54 -15.42 13.16
C THR A 28 13.02 -15.28 13.15
N ASP A 29 12.27 -16.37 12.87
CA ASP A 29 10.81 -16.37 12.96
C ASP A 29 10.39 -15.87 14.38
N GLU A 30 11.10 -16.32 15.43
CA GLU A 30 10.84 -15.96 16.84
C GLU A 30 11.04 -14.48 17.15
N SER A 31 12.18 -13.89 16.72
CA SER A 31 12.42 -12.47 17.02
C SER A 31 11.51 -11.57 16.18
N LEU A 32 11.14 -12.04 14.99
CA LEU A 32 10.20 -11.31 14.13
C LEU A 32 8.81 -11.35 14.77
N ARG A 33 8.40 -12.52 15.31
CA ARG A 33 7.13 -12.61 16.05
C ARG A 33 7.14 -11.71 17.30
N SER A 34 8.23 -11.73 18.11
CA SER A 34 8.33 -10.88 19.31
C SER A 34 8.21 -9.40 18.99
N HIS A 35 8.68 -8.98 17.81
CA HIS A 35 8.56 -7.57 17.43
C HIS A 35 7.12 -7.23 17.07
N PHE A 36 6.57 -7.96 16.11
CA PHE A 36 5.29 -7.63 15.50
C PHE A 36 4.03 -7.97 16.28
N GLU A 37 4.16 -8.79 17.34
CA GLU A 37 3.08 -9.22 18.23
C GLU A 37 2.38 -8.00 18.86
N GLN A 38 3.11 -6.90 19.06
CA GLN A 38 2.61 -5.68 19.70
C GLN A 38 1.34 -5.09 19.02
N TRP A 39 1.25 -5.19 17.67
CA TRP A 39 0.13 -4.58 16.93
C TRP A 39 -1.04 -5.49 16.62
N GLY A 40 -0.98 -6.75 17.02
CA GLY A 40 -2.10 -7.64 16.80
C GLY A 40 -1.77 -9.08 16.95
N THR A 41 -2.78 -9.94 16.73
CA THR A 41 -2.63 -11.39 16.80
C THR A 41 -1.97 -11.84 15.50
N LEU A 42 -0.84 -12.52 15.61
CA LEU A 42 -0.17 -13.04 14.41
C LEU A 42 -0.62 -14.48 14.18
N THR A 43 -1.06 -14.80 12.94
CA THR A 43 -1.46 -16.16 12.60
C THR A 43 -0.30 -16.91 11.95
N ASP A 44 0.72 -16.17 11.48
CA ASP A 44 1.91 -16.76 10.85
C ASP A 44 3.05 -15.76 10.86
N CYS A 45 4.25 -16.27 10.98
CA CYS A 45 5.43 -15.38 11.01
C CYS A 45 6.60 -16.19 10.54
N VAL A 46 7.23 -15.79 9.41
CA VAL A 46 8.30 -16.58 8.83
C VAL A 46 9.43 -15.72 8.28
N VAL A 47 10.67 -16.19 8.42
CA VAL A 47 11.85 -15.58 7.81
C VAL A 47 12.20 -16.54 6.68
N MET A 48 12.40 -16.03 5.44
CA MET A 48 12.77 -16.87 4.33
C MET A 48 14.26 -17.18 4.39
N ARG A 49 14.62 -18.45 4.19
CA ARG A 49 16.01 -18.92 4.31
C ARG A 49 16.47 -19.73 3.13
N ASP A 50 17.80 -19.83 2.94
CA ASP A 50 18.36 -20.67 1.88
C ASP A 50 18.05 -22.14 2.26
N PRO A 51 17.62 -23.00 1.32
CA PRO A 51 17.31 -24.40 1.70
C PRO A 51 18.51 -25.27 2.09
N ASN A 52 19.74 -24.88 1.70
CA ASN A 52 20.95 -25.68 1.98
C ASN A 52 21.79 -25.13 3.14
N THR A 53 22.00 -23.82 3.20
CA THR A 53 22.85 -23.25 4.27
C THR A 53 22.03 -22.79 5.48
N LYS A 54 20.69 -22.64 5.30
CA LYS A 54 19.77 -22.10 6.33
C LYS A 54 20.07 -20.61 6.61
N ARG A 55 20.94 -19.98 5.80
CA ARG A 55 21.26 -18.56 5.96
C ARG A 55 20.01 -17.77 5.55
N SER A 56 19.69 -16.71 6.31
CA SER A 56 18.53 -15.84 6.01
C SER A 56 18.64 -15.27 4.63
N ARG A 57 17.49 -15.16 3.93
CA ARG A 57 17.42 -14.48 2.63
C ARG A 57 17.21 -12.98 2.81
N GLY A 58 17.08 -12.54 4.07
CA GLY A 58 16.94 -11.13 4.41
C GLY A 58 15.53 -10.55 4.26
N PHE A 59 14.53 -11.43 4.20
CA PHE A 59 13.14 -10.99 4.17
C PHE A 59 12.24 -12.05 4.78
N GLY A 60 11.04 -11.64 5.18
CA GLY A 60 10.07 -12.57 5.72
C GLY A 60 8.67 -12.04 5.57
N PHE A 61 7.71 -12.72 6.21
CA PHE A 61 6.32 -12.30 6.13
C PHE A 61 5.69 -12.41 7.49
N VAL A 62 4.78 -11.49 7.81
CA VAL A 62 3.99 -11.59 9.04
C VAL A 62 2.52 -11.53 8.66
N THR A 63 1.68 -12.42 9.23
CA THR A 63 0.25 -12.45 8.90
C THR A 63 -0.53 -12.12 10.16
N TYR A 64 -1.42 -11.14 10.10
CA TYR A 64 -2.24 -10.76 11.26
C TYR A 64 -3.65 -11.35 11.17
N ALA A 65 -4.39 -11.34 12.28
CA ALA A 65 -5.77 -11.86 12.31
C ALA A 65 -6.76 -10.96 11.57
N THR A 66 -6.48 -9.63 11.48
CA THR A 66 -7.39 -8.69 10.78
C THR A 66 -6.63 -7.67 9.96
N VAL A 67 -7.32 -7.04 8.98
CA VAL A 67 -6.75 -5.95 8.17
C VAL A 67 -6.46 -4.73 9.08
N GLU A 68 -7.28 -4.48 10.11
CA GLU A 68 -7.00 -3.34 11.02
C GLU A 68 -5.66 -3.49 11.79
N GLU A 69 -5.24 -4.75 12.07
CA GLU A 69 -3.96 -5.02 12.73
C GLU A 69 -2.80 -4.68 11.81
N VAL A 70 -2.94 -5.00 10.50
CA VAL A 70 -1.93 -4.61 9.49
C VAL A 70 -1.81 -3.11 9.47
N ASP A 71 -2.96 -2.39 9.43
CA ASP A 71 -2.92 -0.93 9.42
C ASP A 71 -2.20 -0.41 10.66
N ALA A 72 -2.50 -0.98 11.86
CA ALA A 72 -1.83 -0.55 13.12
C ALA A 72 -0.28 -0.71 13.02
N ALA A 73 0.18 -1.85 12.50
CA ALA A 73 1.62 -2.10 12.32
C ALA A 73 2.21 -1.12 11.29
N MET A 74 1.50 -0.86 10.17
CA MET A 74 2.01 0.12 9.20
C MET A 74 2.04 1.54 9.77
N ASN A 75 1.08 1.88 10.62
CA ASN A 75 1.05 3.21 11.26
C ASN A 75 2.17 3.37 12.30
N ALA A 76 2.81 2.26 12.74
CA ALA A 76 3.91 2.29 13.74
C ALA A 76 5.30 2.32 13.12
N ARG A 77 5.38 2.43 11.78
CA ARG A 77 6.68 2.57 11.10
C ARG A 77 7.36 3.86 11.56
N PRO A 78 8.71 3.95 11.64
CA PRO A 78 9.71 2.90 11.33
C PRO A 78 9.80 1.77 12.36
N HIS A 79 10.01 0.54 11.85
CA HIS A 79 10.14 -0.66 12.69
C HIS A 79 11.59 -1.04 12.77
N LYS A 80 12.15 -1.03 13.99
CA LYS A 80 13.55 -1.37 14.21
C LYS A 80 13.56 -2.82 14.73
N VAL A 81 14.13 -3.76 13.94
CA VAL A 81 14.14 -5.18 14.29
C VAL A 81 15.59 -5.69 14.32
N ASP A 82 16.09 -6.12 15.49
CA ASP A 82 17.48 -6.63 15.60
C ASP A 82 18.55 -5.59 15.11
N GLY A 83 18.37 -4.35 15.55
CA GLY A 83 19.27 -3.23 15.27
C GLY A 83 19.20 -2.60 13.88
N ARG A 84 18.19 -2.93 13.08
CA ARG A 84 18.06 -2.41 11.70
C ARG A 84 16.64 -1.90 11.49
N VAL A 85 16.48 -0.79 10.74
CA VAL A 85 15.16 -0.31 10.35
C VAL A 85 14.76 -1.16 9.14
N VAL A 86 13.67 -1.90 9.25
CA VAL A 86 13.23 -2.82 8.17
C VAL A 86 12.26 -2.12 7.22
N GLU A 87 11.82 -2.78 6.14
CA GLU A 87 10.95 -2.14 5.15
C GLU A 87 9.65 -2.96 4.94
N PRO A 88 8.61 -2.74 5.76
CA PRO A 88 7.36 -3.51 5.62
C PRO A 88 6.49 -3.00 4.48
N LYS A 89 5.87 -3.91 3.75
CA LYS A 89 5.01 -3.54 2.61
C LYS A 89 3.90 -4.54 2.56
N ARG A 90 2.72 -4.17 2.04
CA ARG A 90 1.63 -5.15 1.92
C ARG A 90 2.07 -6.27 0.98
N ALA A 91 1.93 -7.54 1.44
CA ALA A 91 2.43 -8.71 0.70
C ALA A 91 1.59 -8.99 -0.55
N VAL A 92 2.27 -9.13 -1.69
CA VAL A 92 1.63 -9.41 -2.98
C VAL A 92 1.58 -10.94 -3.06
N SER A 93 0.46 -11.50 -3.58
CA SER A 93 0.28 -12.95 -3.68
C SER A 93 1.32 -13.55 -4.65
N ARG A 94 1.54 -14.86 -4.58
CA ARG A 94 2.48 -15.53 -5.50
C ARG A 94 2.04 -15.35 -6.96
N GLU A 95 0.73 -15.42 -7.24
CA GLU A 95 0.20 -15.22 -8.60
C GLU A 95 0.41 -13.77 -9.09
N ASP A 96 0.05 -12.77 -8.26
CA ASP A 96 0.22 -11.34 -8.61
C ASP A 96 1.67 -10.89 -8.69
N SER A 97 2.62 -11.64 -8.09
CA SER A 97 4.03 -11.27 -8.12
C SER A 97 4.67 -11.60 -9.50
N GLN A 98 3.93 -12.32 -10.38
CA GLN A 98 4.34 -12.68 -11.73
C GLN A 98 3.77 -11.70 -12.74
N ARG A 99 3.86 -10.43 -12.38
CA ARG A 99 3.42 -9.29 -13.15
C ARG A 99 4.56 -8.28 -13.11
N PRO A 100 4.82 -7.57 -14.23
CA PRO A 100 5.90 -6.57 -14.22
C PRO A 100 5.55 -5.41 -13.27
N GLY A 101 6.51 -5.07 -12.42
CA GLY A 101 6.35 -3.98 -11.45
C GLY A 101 5.34 -4.26 -10.34
N ALA A 102 5.06 -5.55 -10.04
CA ALA A 102 4.15 -5.90 -8.96
C ALA A 102 4.60 -5.29 -7.63
N HIS A 103 5.94 -5.18 -7.41
CA HIS A 103 6.53 -4.67 -6.16
C HIS A 103 7.08 -3.24 -6.16
N LEU A 104 6.86 -2.49 -7.26
CA LEU A 104 7.32 -1.09 -7.33
C LEU A 104 6.57 -0.23 -6.34
N THR A 105 7.28 0.70 -5.71
CA THR A 105 6.63 1.60 -4.77
C THR A 105 6.11 2.74 -5.63
N VAL A 106 4.79 2.92 -5.66
CA VAL A 106 4.16 4.00 -6.41
C VAL A 106 3.39 4.88 -5.44
N LYS A 107 3.50 6.21 -5.60
CA LYS A 107 2.87 7.15 -4.67
C LYS A 107 1.73 7.95 -5.31
N LYS A 108 1.45 7.70 -6.60
CA LYS A 108 0.42 8.48 -7.30
C LYS A 108 -0.70 7.61 -7.85
N ILE A 109 -1.93 8.11 -7.78
CA ILE A 109 -3.09 7.40 -8.35
C ILE A 109 -3.82 8.28 -9.35
N PHE A 110 -4.52 7.64 -10.27
CA PHE A 110 -5.44 8.27 -11.21
C PHE A 110 -6.84 8.01 -10.59
N VAL A 111 -7.71 9.02 -10.58
CA VAL A 111 -9.07 8.90 -10.07
C VAL A 111 -9.96 9.39 -11.20
N GLY A 112 -10.70 8.48 -11.82
CA GLY A 112 -11.56 8.85 -12.95
C GLY A 112 -13.04 8.71 -12.63
N GLY A 113 -13.86 9.45 -13.36
CA GLY A 113 -15.30 9.40 -13.16
C GLY A 113 -15.84 10.43 -12.20
N ILE A 114 -15.03 11.48 -11.91
CA ILE A 114 -15.44 12.53 -10.97
C ILE A 114 -16.32 13.62 -11.59
N LYS A 115 -16.48 13.61 -12.92
CA LYS A 115 -17.32 14.60 -13.64
C LYS A 115 -16.83 16.05 -13.43
N GLU A 116 -17.71 17.06 -13.47
CA GLU A 116 -17.33 18.47 -13.35
C GLU A 116 -17.65 19.14 -12.01
N ASP A 117 -18.47 18.51 -11.18
CA ASP A 117 -18.93 19.05 -9.89
C ASP A 117 -18.04 18.66 -8.68
N THR A 118 -17.05 17.80 -8.88
CA THR A 118 -16.16 17.36 -7.78
C THR A 118 -15.06 18.41 -7.61
N GLU A 119 -14.86 18.86 -6.38
CA GLU A 119 -13.84 19.87 -6.03
C GLU A 119 -12.70 19.22 -5.26
N GLU A 120 -11.61 19.96 -5.10
CA GLU A 120 -10.44 19.46 -4.39
C GLU A 120 -10.79 19.00 -2.96
N HIS A 121 -11.66 19.74 -2.25
CA HIS A 121 -12.00 19.38 -0.86
C HIS A 121 -12.69 18.02 -0.75
N HIS A 122 -13.48 17.63 -1.78
CA HIS A 122 -14.17 16.33 -1.80
C HIS A 122 -13.11 15.22 -1.90
N LEU A 123 -12.13 15.39 -2.80
CA LEU A 123 -11.07 14.40 -2.98
C LEU A 123 -10.21 14.34 -1.73
N ARG A 124 -9.89 15.52 -1.16
CA ARG A 124 -9.06 15.58 0.05
C ARG A 124 -9.73 14.92 1.25
N ASP A 125 -10.99 15.24 1.54
CA ASP A 125 -11.66 14.67 2.73
C ASP A 125 -11.72 13.16 2.69
N TYR A 126 -11.85 12.59 1.49
CA TYR A 126 -11.88 11.14 1.31
C TYR A 126 -10.46 10.55 1.37
N PHE A 127 -9.60 10.94 0.41
CA PHE A 127 -8.27 10.36 0.27
C PHE A 127 -7.32 10.60 1.42
N GLU A 128 -7.43 11.73 2.15
CA GLU A 128 -6.53 11.99 3.29
C GLU A 128 -6.69 10.96 4.40
N GLN A 129 -7.84 10.27 4.44
CA GLN A 129 -8.06 9.21 5.43
C GLN A 129 -7.19 7.99 5.14
N TYR A 130 -6.65 7.90 3.91
CA TYR A 130 -5.70 6.82 3.58
C TYR A 130 -4.27 7.22 3.97
N GLY A 131 -4.00 8.51 4.05
CA GLY A 131 -2.69 9.01 4.43
C GLY A 131 -2.43 10.42 3.95
N LYS A 132 -1.33 11.01 4.37
CA LYS A 132 -0.96 12.38 4.02
C LYS A 132 -0.84 12.56 2.49
N ILE A 133 -1.47 13.63 1.96
CA ILE A 133 -1.44 13.92 0.52
C ILE A 133 -0.37 14.97 0.21
N GLU A 134 0.44 14.73 -0.83
CA GLU A 134 1.43 15.67 -1.31
C GLU A 134 0.71 16.68 -2.22
N VAL A 135 -0.06 16.19 -3.23
CA VAL A 135 -0.79 17.08 -4.18
C VAL A 135 -2.05 16.46 -4.68
N ILE A 136 -3.05 17.31 -4.99
CA ILE A 136 -4.25 16.88 -5.69
C ILE A 136 -4.28 17.70 -6.98
N GLU A 137 -4.32 17.03 -8.14
CA GLU A 137 -4.32 17.77 -9.40
C GLU A 137 -5.60 17.41 -10.14
N ILE A 138 -6.58 18.34 -10.22
CA ILE A 138 -7.86 18.11 -10.93
C ILE A 138 -7.60 18.55 -12.39
N MET A 139 -7.76 17.62 -13.34
CA MET A 139 -7.40 17.88 -14.74
C MET A 139 -8.41 18.71 -15.51
N THR A 140 -7.90 19.68 -16.31
CA THR A 140 -8.73 20.56 -17.14
C THR A 140 -8.24 20.54 -18.60
N ASP A 141 -9.13 20.76 -19.58
CA ASP A 141 -8.71 20.77 -20.99
C ASP A 141 -7.97 22.10 -21.23
N ARG A 142 -6.77 22.04 -21.82
CA ARG A 142 -5.96 23.25 -22.09
C ARG A 142 -6.61 24.26 -23.04
N GLY A 143 -7.53 23.81 -23.89
CA GLY A 143 -8.24 24.66 -24.84
C GLY A 143 -9.47 25.36 -24.29
N SER A 144 -10.37 24.59 -23.68
CA SER A 144 -11.63 25.10 -23.15
C SER A 144 -11.60 25.46 -21.66
N GLY A 145 -10.63 24.94 -20.92
CA GLY A 145 -10.54 25.16 -19.47
C GLY A 145 -11.53 24.31 -18.69
N LYS A 146 -12.30 23.46 -19.40
CA LYS A 146 -13.32 22.60 -18.80
C LYS A 146 -12.69 21.43 -18.09
N LYS A 147 -13.33 20.98 -16.99
CA LYS A 147 -12.90 19.83 -16.21
C LYS A 147 -12.99 18.59 -17.08
N ARG A 148 -11.95 17.74 -17.03
CA ARG A 148 -11.94 16.55 -17.86
C ARG A 148 -12.59 15.33 -17.18
N GLY A 149 -12.92 15.47 -15.89
CA GLY A 149 -13.57 14.41 -15.14
C GLY A 149 -12.62 13.38 -14.55
N PHE A 150 -11.36 13.80 -14.33
CA PHE A 150 -10.39 12.97 -13.64
C PHE A 150 -9.36 13.83 -12.87
N ALA A 151 -8.69 13.21 -11.93
CA ALA A 151 -7.69 13.86 -11.08
C ALA A 151 -6.53 12.90 -10.81
N PHE A 152 -5.36 13.45 -10.40
CA PHE A 152 -4.26 12.62 -9.95
C PHE A 152 -4.05 13.01 -8.48
N VAL A 153 -3.84 12.04 -7.61
CA VAL A 153 -3.56 12.30 -6.18
C VAL A 153 -2.21 11.67 -5.89
N THR A 154 -1.27 12.48 -5.39
CA THR A 154 0.06 12.00 -5.02
C THR A 154 0.17 11.96 -3.49
N PHE A 155 0.59 10.81 -2.92
CA PHE A 155 0.70 10.67 -1.47
C PHE A 155 2.14 10.80 -0.99
N ASP A 156 2.31 11.06 0.31
CA ASP A 156 3.66 11.12 0.88
C ASP A 156 4.25 9.72 1.02
N ASP A 157 3.38 8.71 1.21
CA ASP A 157 3.79 7.34 1.54
C ASP A 157 3.16 6.33 0.58
N HIS A 158 3.96 5.37 0.05
CA HIS A 158 3.47 4.31 -0.84
C HIS A 158 2.36 3.44 -0.22
N ASP A 159 2.33 3.29 1.13
CA ASP A 159 1.30 2.42 1.74
C ASP A 159 -0.09 2.99 1.54
N SER A 160 -0.20 4.34 1.39
CA SER A 160 -1.51 4.94 1.16
C SER A 160 -2.07 4.39 -0.14
N VAL A 161 -1.23 4.32 -1.21
CA VAL A 161 -1.70 3.80 -2.52
C VAL A 161 -2.02 2.30 -2.43
N ASP A 162 -1.20 1.52 -1.71
CA ASP A 162 -1.41 0.09 -1.52
C ASP A 162 -2.75 -0.19 -0.87
N LYS A 163 -3.16 0.63 0.14
CA LYS A 163 -4.47 0.48 0.79
C LYS A 163 -5.59 0.78 -0.18
N ILE A 164 -5.40 1.85 -1.00
CA ILE A 164 -6.43 2.28 -1.95
C ILE A 164 -6.74 1.25 -3.03
N VAL A 165 -5.69 0.75 -3.70
CA VAL A 165 -5.85 -0.14 -4.85
C VAL A 165 -6.41 -1.50 -4.52
N ILE A 166 -6.34 -1.93 -3.25
CA ILE A 166 -6.94 -3.21 -2.87
C ILE A 166 -8.48 -3.12 -2.66
N GLN A 167 -9.03 -1.89 -2.44
CA GLN A 167 -10.48 -1.69 -2.25
C GLN A 167 -11.20 -1.97 -3.57
N LYS A 168 -12.34 -2.68 -3.50
CA LYS A 168 -13.08 -2.96 -4.72
C LYS A 168 -13.72 -1.66 -5.27
N TYR A 169 -14.29 -0.80 -4.41
CA TYR A 169 -14.96 0.41 -4.87
C TYR A 169 -14.52 1.69 -4.18
N HIS A 170 -14.68 2.80 -4.88
CA HIS A 170 -14.39 4.13 -4.34
C HIS A 170 -15.46 5.08 -4.78
N THR A 171 -16.06 5.78 -3.82
CA THR A 171 -17.11 6.75 -4.09
C THR A 171 -16.66 8.10 -3.56
N VAL A 172 -16.64 9.09 -4.43
CA VAL A 172 -16.25 10.45 -4.05
C VAL A 172 -17.33 11.39 -4.57
N ASN A 173 -17.88 12.24 -3.69
CA ASN A 173 -18.91 13.22 -4.07
C ASN A 173 -20.06 12.60 -4.88
N GLY A 174 -20.59 11.47 -4.39
CA GLY A 174 -21.69 10.76 -5.03
C GLY A 174 -21.38 10.17 -6.41
N HIS A 175 -20.08 9.93 -6.72
CA HIS A 175 -19.70 9.31 -8.01
C HIS A 175 -18.90 8.07 -7.72
N ASN A 176 -19.13 6.98 -8.46
CA ASN A 176 -18.37 5.74 -8.34
C ASN A 176 -17.18 5.90 -9.26
N CYS A 177 -15.97 5.90 -8.67
CA CYS A 177 -14.72 6.16 -9.39
C CYS A 177 -13.95 4.96 -9.84
N GLU A 178 -13.13 5.16 -10.88
CA GLU A 178 -12.18 4.18 -11.38
C GLU A 178 -10.87 4.66 -10.74
N VAL A 179 -10.19 3.81 -9.93
CA VAL A 179 -8.94 4.24 -9.29
C VAL A 179 -7.82 3.29 -9.73
N ARG A 180 -6.69 3.85 -10.22
CA ARG A 180 -5.55 3.02 -10.62
C ARG A 180 -4.25 3.67 -10.18
N LYS A 181 -3.18 2.86 -10.04
CA LYS A 181 -1.84 3.38 -9.77
C LYS A 181 -1.44 4.17 -11.02
N ALA A 182 -0.72 5.30 -10.86
CA ALA A 182 -0.26 6.09 -12.00
C ALA A 182 1.27 6.14 -12.02
N LEU A 183 1.91 5.76 -13.15
CA LEU A 183 3.38 5.91 -13.28
C LEU A 183 3.74 7.36 -13.57
N SER A 184 2.80 8.10 -14.20
CA SER A 184 2.92 9.53 -14.57
C SER A 184 1.53 10.08 -14.93
N LYS A 185 1.46 11.36 -15.36
CA LYS A 185 0.21 11.98 -15.81
C LYS A 185 -0.23 11.46 -17.20
N GLN A 186 0.46 10.43 -17.73
CA GLN A 186 0.22 9.82 -19.05
C GLN A 186 0.11 8.28 -19.01
N GLU A 187 0.67 7.66 -17.95
CA GLU A 187 0.68 6.19 -17.84
C GLU A 187 0.15 5.72 -16.50
N MET A 188 -0.90 4.89 -16.53
CA MET A 188 -1.52 4.31 -15.34
C MET A 188 -1.55 2.79 -15.43
N ALA A 189 -1.37 2.14 -14.27
CA ALA A 189 -1.26 0.69 -14.14
C ALA A 189 -2.55 -0.09 -14.16
N SER A 190 -2.43 -1.43 -14.33
CA SER A 190 -3.53 -2.38 -14.33
C SER A 190 -3.87 -2.71 -12.88
C ACT C . 15.61 -6.90 1.02
O ACT C . 16.32 -7.36 1.95
OXT ACT C . 14.55 -7.47 0.61
CH3 ACT C . 16.08 -5.56 0.30
S SO4 D . -23.51 10.22 -12.43
O1 SO4 D . -24.69 9.69 -11.74
O2 SO4 D . -22.29 9.73 -11.76
O3 SO4 D . -23.51 9.77 -13.82
O4 SO4 D . -23.55 11.68 -12.39
#